data_9BQC
#
_entry.id   9BQC
#
_cell.length_a   84.148
_cell.length_b   84.148
_cell.length_c   127.752
_cell.angle_alpha   90.00
_cell.angle_beta   90.00
_cell.angle_gamma   90.00
#
_symmetry.space_group_name_H-M   'P 41 21 2'
#
loop_
_entity.id
_entity.type
_entity.pdbx_description
1 polymer 'DNA topoisomerase 2-beta'
2 non-polymer 'PHOSPHOAMINOPHOSPHONIC ACID-ADENYLATE ESTER'
3 non-polymer 8-(3,4-dihydroquinoline-1(2H)-carbonyl)-7-(2-hydroxyethoxy)-4-propyl-2H-1-benzopyran-2-one
4 non-polymer 'MAGNESIUM ION'
5 water water
#
_entity_poly.entity_id   1
_entity_poly.type   'polypeptide(L)'
_entity_poly.pdbx_seq_one_letter_code
;SNASVERVYQKKTQLEHILLRPDTYIGSVEPLTQFMWVYDEDVGMNCREVTFVPGLYKIFDEILVNAADNKQRDKNMTCI
KVSIDPESNIISIWNNGKGIPVVEHKVEKVYVPALIFGQLLTSSNYDDDEKKVTGGRNGYGAKLCNIFSTKFTVETACKE
YKHSFKQTWMNNMMKTSEAKIKHFDGEDYTCITFQPDLSKFKMEKLDKDIVALMTRRAYDLAGSCRGVKVMFNGKKLPVN
GFRSYVDLYVKDKLDETGVALKVIHELANERWDVCLTLSEKGFQQISFVNSIATTKGGRHVDYVVDQVVGKLIEVVKKKN
KAGVSVKPFQVKNHIWVFINCLIENPTFDSQTKENMTLQPKSFGSKCQLSEKFFKAASNCGIVESILNWVKFKAQTQ
;
_entity_poly.pdbx_strand_id   A
#
# COMPACT_ATOMS: atom_id res chain seq x y z
N ALA A 3 8.69 -9.69 43.62
CA ALA A 3 9.44 -9.85 42.37
C ALA A 3 10.89 -9.41 42.55
N SER A 4 11.82 -10.25 42.11
CA SER A 4 13.22 -9.92 42.21
C SER A 4 13.61 -8.89 41.16
N VAL A 5 14.81 -8.32 41.34
CA VAL A 5 15.38 -7.41 40.35
C VAL A 5 15.38 -8.04 38.97
N GLU A 6 15.71 -9.32 38.88
CA GLU A 6 15.82 -9.99 37.59
C GLU A 6 14.47 -10.29 36.97
N ARG A 7 13.43 -10.40 37.79
CA ARG A 7 12.09 -10.52 37.24
C ARG A 7 11.52 -9.16 36.83
N VAL A 8 11.88 -8.09 37.56
CA VAL A 8 11.34 -6.78 37.23
C VAL A 8 12.00 -6.24 35.97
N TYR A 9 13.33 -6.19 35.95
CA TYR A 9 14.06 -5.55 34.86
C TYR A 9 14.50 -6.63 33.88
N GLN A 10 13.96 -6.57 32.67
CA GLN A 10 14.15 -7.61 31.67
C GLN A 10 14.69 -7.04 30.36
N LYS A 11 15.48 -7.85 29.67
CA LYS A 11 15.98 -7.56 28.34
C LYS A 11 15.40 -8.57 27.36
N LYS A 12 15.00 -8.09 26.18
CA LYS A 12 14.43 -8.93 25.15
C LYS A 12 15.32 -8.92 23.92
N THR A 13 15.34 -10.02 23.19
CA THR A 13 15.94 -10.00 21.87
C THR A 13 14.98 -9.33 20.88
N GLN A 14 15.54 -8.93 19.74
CA GLN A 14 14.72 -8.32 18.69
C GLN A 14 13.57 -9.23 18.30
N LEU A 15 13.85 -10.52 18.12
CA LEU A 15 12.80 -11.44 17.70
C LEU A 15 11.74 -11.63 18.79
N GLU A 16 12.16 -11.69 20.05
CA GLU A 16 11.19 -11.77 21.14
C GLU A 16 10.33 -10.50 21.18
N HIS A 17 10.95 -9.35 20.94
CA HIS A 17 10.24 -8.08 21.04
C HIS A 17 9.14 -7.97 20.01
N ILE A 18 9.37 -8.48 18.80
CA ILE A 18 8.35 -8.44 17.76
C ILE A 18 7.09 -9.20 18.18
N LEU A 19 7.25 -10.38 18.78
CA LEU A 19 6.06 -11.14 19.20
C LEU A 19 5.40 -10.54 20.44
N LEU A 20 6.17 -9.94 21.34
CA LEU A 20 5.62 -9.33 22.55
C LEU A 20 4.96 -7.98 22.28
N ARG A 21 5.47 -7.24 21.31
CA ARG A 21 5.03 -5.88 21.02
C ARG A 21 4.76 -5.75 19.53
N PRO A 22 3.78 -6.48 19.00
CA PRO A 22 3.60 -6.50 17.56
C PRO A 22 3.11 -5.18 17.00
N ASP A 23 2.50 -4.35 17.84
CA ASP A 23 1.74 -3.20 17.34
C ASP A 23 2.61 -2.21 16.59
N THR A 24 3.85 -1.96 17.05
CA THR A 24 4.65 -1.01 16.30
C THR A 24 5.25 -1.60 15.03
N TYR A 25 5.16 -2.91 14.82
CA TYR A 25 5.70 -3.54 13.64
C TYR A 25 4.65 -3.78 12.57
N ILE A 26 3.49 -4.34 12.95
CA ILE A 26 2.44 -4.69 12.01
C ILE A 26 1.09 -4.07 12.34
N GLY A 27 0.98 -3.31 13.43
CA GLY A 27 -0.31 -2.83 13.86
C GLY A 27 -1.00 -3.80 14.79
N SER A 28 -2.23 -3.48 15.15
CA SER A 28 -2.93 -4.24 16.19
C SER A 28 -3.15 -5.68 15.77
N VAL A 29 -2.97 -6.60 16.73
CA VAL A 29 -3.26 -8.02 16.53
C VAL A 29 -4.62 -8.39 17.11
N GLU A 30 -5.43 -7.39 17.47
CA GLU A 30 -6.80 -7.56 17.91
C GLU A 30 -7.75 -7.03 16.83
N PRO A 31 -8.98 -7.52 16.76
CA PRO A 31 -9.89 -7.05 15.72
C PRO A 31 -10.25 -5.58 15.90
N LEU A 32 -10.53 -4.94 14.77
CA LEU A 32 -10.91 -3.54 14.62
C LEU A 32 -12.14 -3.55 13.72
N THR A 33 -13.14 -2.72 14.02
CA THR A 33 -14.23 -2.46 13.10
C THR A 33 -14.09 -1.03 12.60
N GLN A 34 -14.10 -0.86 11.27
CA GLN A 34 -13.87 0.43 10.64
C GLN A 34 -14.74 0.53 9.39
N PHE A 35 -15.30 1.71 9.14
CA PHE A 35 -16.03 1.98 7.91
C PHE A 35 -15.00 2.28 6.84
N MET A 36 -14.94 1.46 5.80
CA MET A 36 -13.88 1.61 4.82
C MET A 36 -14.31 0.91 3.53
N TRP A 37 -13.45 1.00 2.52
CA TRP A 37 -13.70 0.41 1.21
C TRP A 37 -13.10 -0.97 1.11
N VAL A 38 -13.88 -1.93 0.63
CA VAL A 38 -13.36 -3.26 0.32
C VAL A 38 -13.98 -3.72 -1.00
N TYR A 39 -13.44 -4.82 -1.52
CA TYR A 39 -13.91 -5.39 -2.79
C TYR A 39 -14.57 -6.72 -2.47
N ASP A 40 -15.90 -6.74 -2.43
CA ASP A 40 -16.66 -7.93 -2.03
C ASP A 40 -17.04 -8.79 -3.24
N GLU A 41 -17.29 -10.06 -2.97
CA GLU A 41 -17.67 -10.98 -4.04
C GLU A 41 -19.04 -10.65 -4.63
N ASP A 42 -19.95 -10.07 -3.83
CA ASP A 42 -21.30 -9.85 -4.31
C ASP A 42 -21.53 -8.46 -4.93
N VAL A 43 -20.85 -7.43 -4.44
CA VAL A 43 -21.10 -6.05 -4.87
C VAL A 43 -19.87 -5.35 -5.40
N GLY A 44 -18.70 -6.01 -5.42
CA GLY A 44 -17.53 -5.30 -5.87
C GLY A 44 -17.12 -4.23 -4.87
N MET A 45 -16.62 -3.12 -5.41
CA MET A 45 -16.12 -2.02 -4.59
C MET A 45 -17.28 -1.38 -3.83
N ASN A 46 -17.13 -1.25 -2.52
CA ASN A 46 -18.19 -0.66 -1.71
C ASN A 46 -17.59 -0.23 -0.38
N CYS A 47 -18.27 0.69 0.29
N CYS A 47 -18.23 0.72 0.27
CA CYS A 47 -17.86 1.19 1.58
CA CYS A 47 -17.82 1.17 1.59
C CYS A 47 -18.83 0.68 2.62
C CYS A 47 -18.82 0.70 2.63
N ARG A 48 -18.31 0.06 3.67
CA ARG A 48 -19.15 -0.58 4.69
C ARG A 48 -18.31 -0.74 5.96
N GLU A 49 -18.98 -1.10 7.06
CA GLU A 49 -18.24 -1.54 8.24
C GLU A 49 -17.57 -2.88 7.96
N VAL A 50 -16.28 -2.95 8.27
CA VAL A 50 -15.44 -4.11 8.03
C VAL A 50 -14.77 -4.43 9.37
N THR A 51 -14.79 -5.70 9.77
CA THR A 51 -14.11 -6.16 10.97
C THR A 51 -12.93 -7.03 10.56
N PHE A 52 -11.73 -6.62 10.98
CA PHE A 52 -10.51 -7.29 10.54
C PHE A 52 -9.41 -7.01 11.55
N VAL A 53 -8.34 -7.79 11.46
CA VAL A 53 -7.17 -7.62 12.33
C VAL A 53 -6.09 -6.88 11.55
N PRO A 54 -5.74 -5.65 11.94
CA PRO A 54 -4.76 -4.89 11.15
C PRO A 54 -3.46 -5.60 10.88
N GLY A 55 -2.90 -6.32 11.86
CA GLY A 55 -1.62 -6.98 11.65
C GLY A 55 -1.66 -8.01 10.53
N LEU A 56 -2.80 -8.66 10.34
CA LEU A 56 -2.91 -9.66 9.28
C LEU A 56 -2.98 -9.00 7.90
N TYR A 57 -3.77 -7.93 7.78
CA TYR A 57 -3.72 -7.07 6.61
C TYR A 57 -2.28 -6.66 6.30
N LYS A 58 -1.53 -6.24 7.32
CA LYS A 58 -0.22 -5.67 7.06
C LYS A 58 0.82 -6.71 6.64
N ILE A 59 0.80 -7.93 7.18
CA ILE A 59 1.79 -8.90 6.70
C ILE A 59 1.56 -9.23 5.22
N PHE A 60 0.30 -9.27 4.79
CA PHE A 60 -0.01 -9.41 3.36
C PHE A 60 0.48 -8.20 2.58
N ASP A 61 0.21 -7.00 3.09
CA ASP A 61 0.62 -5.78 2.42
C ASP A 61 2.13 -5.71 2.24
N GLU A 62 2.89 -6.16 3.24
CA GLU A 62 4.34 -6.09 3.09
C GLU A 62 4.81 -6.87 1.88
N ILE A 63 4.23 -8.06 1.64
CA ILE A 63 4.65 -8.87 0.51
C ILE A 63 4.15 -8.25 -0.79
N LEU A 64 2.94 -7.69 -0.78
CA LEU A 64 2.39 -7.07 -1.98
C LEU A 64 3.22 -5.86 -2.42
N VAL A 65 3.58 -4.98 -1.47
CA VAL A 65 4.37 -3.81 -1.82
C VAL A 65 5.77 -4.22 -2.26
N ASN A 66 6.32 -5.29 -1.68
CA ASN A 66 7.63 -5.77 -2.13
C ASN A 66 7.58 -6.18 -3.61
N ALA A 67 6.47 -6.78 -4.03
CA ALA A 67 6.34 -7.13 -5.45
C ALA A 67 6.28 -5.87 -6.31
N ALA A 68 5.49 -4.88 -5.90
CA ALA A 68 5.44 -3.62 -6.64
C ALA A 68 6.81 -2.97 -6.71
N ASP A 69 7.58 -3.05 -5.62
CA ASP A 69 8.91 -2.47 -5.59
C ASP A 69 9.82 -3.07 -6.66
N ASN A 70 9.57 -4.31 -7.08
CA ASN A 70 10.45 -4.92 -8.06
C ASN A 70 10.38 -4.18 -9.39
N LYS A 71 9.31 -3.43 -9.63
CA LYS A 71 9.23 -2.63 -10.85
C LYS A 71 10.33 -1.59 -10.92
N GLN A 72 10.86 -1.19 -9.75
CA GLN A 72 11.95 -0.22 -9.73
C GLN A 72 13.30 -0.88 -9.99
N ARG A 73 13.49 -2.12 -9.54
CA ARG A 73 14.70 -2.87 -9.85
C ARG A 73 14.73 -3.29 -11.31
N ASP A 74 13.56 -3.55 -11.90
CA ASP A 74 13.48 -4.01 -13.28
C ASP A 74 12.23 -3.39 -13.91
N LYS A 75 12.45 -2.33 -14.69
CA LYS A 75 11.33 -1.63 -15.31
C LYS A 75 10.61 -2.49 -16.34
N ASN A 76 11.21 -3.62 -16.76
CA ASN A 76 10.55 -4.52 -17.69
C ASN A 76 9.50 -5.41 -17.03
N MET A 77 9.44 -5.44 -15.70
CA MET A 77 8.40 -6.22 -15.04
C MET A 77 7.03 -5.84 -15.57
N THR A 78 6.16 -6.83 -15.74
CA THR A 78 4.84 -6.57 -16.27
C THR A 78 3.67 -7.08 -15.46
N CYS A 79 3.88 -7.93 -14.45
N CYS A 79 3.89 -7.96 -14.48
CA CYS A 79 2.74 -8.68 -13.91
CA CYS A 79 2.77 -8.69 -13.90
C CYS A 79 2.98 -9.07 -12.47
C CYS A 79 3.00 -9.04 -12.44
N ILE A 80 1.95 -8.89 -11.64
CA ILE A 80 1.87 -9.42 -10.29
C ILE A 80 0.63 -10.30 -10.20
N LYS A 81 0.77 -11.49 -9.62
CA LYS A 81 -0.35 -12.42 -9.49
C LYS A 81 -0.58 -12.73 -8.02
N VAL A 82 -1.80 -12.49 -7.55
CA VAL A 82 -2.17 -12.72 -6.16
C VAL A 82 -3.16 -13.88 -6.11
N SER A 83 -2.96 -14.80 -5.16
CA SER A 83 -3.86 -15.92 -4.94
CA SER A 83 -3.85 -15.93 -4.94
C SER A 83 -4.16 -16.02 -3.46
N ILE A 84 -5.43 -16.19 -3.11
CA ILE A 84 -5.84 -16.36 -1.72
C ILE A 84 -6.80 -17.54 -1.68
N ASP A 85 -6.46 -18.57 -0.91
CA ASP A 85 -7.32 -19.74 -0.71
C ASP A 85 -7.66 -19.86 0.76
N PRO A 86 -8.85 -19.39 1.20
CA PRO A 86 -9.17 -19.47 2.63
C PRO A 86 -9.21 -20.90 3.16
N GLU A 87 -9.67 -21.87 2.37
CA GLU A 87 -9.83 -23.22 2.88
C GLU A 87 -8.49 -23.83 3.26
N SER A 88 -7.46 -23.65 2.43
CA SER A 88 -6.14 -24.17 2.72
C SER A 88 -5.29 -23.20 3.52
N ASN A 89 -5.75 -21.95 3.67
CA ASN A 89 -5.02 -20.90 4.37
C ASN A 89 -3.72 -20.52 3.68
N ILE A 90 -3.69 -20.58 2.35
CA ILE A 90 -2.49 -20.30 1.58
C ILE A 90 -2.70 -19.01 0.79
N ILE A 91 -1.74 -18.08 0.92
CA ILE A 91 -1.68 -16.86 0.13
C ILE A 91 -0.40 -16.92 -0.69
N SER A 92 -0.48 -16.59 -1.98
CA SER A 92 0.74 -16.46 -2.77
C SER A 92 0.74 -15.14 -3.53
N ILE A 93 1.92 -14.55 -3.65
CA ILE A 93 2.14 -13.32 -4.42
C ILE A 93 3.34 -13.56 -5.32
N TRP A 94 3.11 -13.51 -6.63
CA TRP A 94 4.08 -13.83 -7.66
C TRP A 94 4.32 -12.57 -8.49
N ASN A 95 5.57 -12.39 -8.93
CA ASN A 95 5.89 -11.27 -9.80
C ASN A 95 6.93 -11.72 -10.81
N ASN A 96 6.93 -11.07 -11.97
CA ASN A 96 7.99 -11.28 -12.94
C ASN A 96 8.97 -10.11 -12.89
N GLY A 97 9.79 -9.99 -13.93
CA GLY A 97 10.95 -9.16 -13.81
C GLY A 97 12.03 -9.87 -13.03
N LYS A 98 13.15 -9.18 -12.86
CA LYS A 98 14.36 -9.82 -12.36
C LYS A 98 14.11 -10.51 -11.02
N GLY A 99 14.64 -11.72 -10.90
CA GLY A 99 14.63 -12.42 -9.64
C GLY A 99 15.69 -11.89 -8.69
N ILE A 100 15.84 -12.59 -7.57
CA ILE A 100 16.84 -12.21 -6.57
C ILE A 100 18.10 -13.02 -6.82
N PRO A 101 19.30 -12.41 -6.81
CA PRO A 101 20.52 -13.19 -7.08
C PRO A 101 20.62 -14.44 -6.23
N VAL A 102 20.77 -15.59 -6.88
CA VAL A 102 20.90 -16.88 -6.20
C VAL A 102 22.40 -17.15 -6.09
N VAL A 103 22.99 -16.62 -5.03
CA VAL A 103 24.44 -16.61 -4.86
C VAL A 103 24.72 -16.37 -3.38
N GLU A 104 25.88 -16.80 -2.92
CA GLU A 104 26.26 -16.57 -1.54
C GLU A 104 26.72 -15.13 -1.36
N HIS A 105 26.13 -14.46 -0.35
CA HIS A 105 26.60 -13.15 0.08
C HIS A 105 27.96 -13.31 0.74
N LYS A 106 28.95 -12.58 0.23
CA LYS A 106 30.33 -12.80 0.63
C LYS A 106 30.65 -12.26 2.02
N VAL A 107 29.81 -11.36 2.55
CA VAL A 107 29.99 -10.85 3.92
C VAL A 107 29.19 -11.69 4.91
N GLU A 108 27.91 -11.91 4.62
CA GLU A 108 27.03 -12.63 5.54
C GLU A 108 27.12 -14.14 5.40
N LYS A 109 27.76 -14.64 4.34
CA LYS A 109 28.05 -16.06 4.21
C LYS A 109 26.80 -16.93 4.18
N VAL A 110 25.72 -16.38 3.60
CA VAL A 110 24.48 -17.11 3.37
C VAL A 110 23.99 -16.74 1.97
N TYR A 111 23.07 -17.53 1.43
CA TYR A 111 22.47 -17.18 0.16
C TYR A 111 21.69 -15.88 0.31
N VAL A 112 21.77 -15.01 -0.71
CA VAL A 112 21.09 -13.70 -0.63
C VAL A 112 19.61 -13.84 -0.27
N PRO A 113 18.82 -14.71 -0.90
CA PRO A 113 17.39 -14.77 -0.50
C PRO A 113 17.20 -15.16 0.96
N ALA A 114 18.04 -16.04 1.49
CA ALA A 114 17.92 -16.46 2.87
C ALA A 114 18.28 -15.32 3.82
N LEU A 115 19.23 -14.48 3.44
CA LEU A 115 19.59 -13.32 4.24
C LEU A 115 18.41 -12.37 4.36
N ILE A 116 17.80 -12.01 3.22
CA ILE A 116 16.86 -10.90 3.19
C ILE A 116 15.43 -11.30 3.50
N PHE A 117 15.13 -12.61 3.57
CA PHE A 117 13.84 -13.08 4.05
C PHE A 117 13.91 -13.75 5.42
N GLY A 118 15.11 -14.04 5.93
CA GLY A 118 15.22 -14.77 7.17
C GLY A 118 16.01 -14.12 8.28
N GLN A 119 16.58 -12.93 8.06
CA GLN A 119 17.29 -12.19 9.08
C GLN A 119 16.75 -10.76 9.15
N LEU A 120 16.55 -10.26 10.37
CA LEU A 120 16.05 -8.90 10.54
C LEU A 120 17.04 -7.86 10.05
N LEU A 121 16.50 -6.70 9.66
CA LEU A 121 17.28 -5.50 9.30
C LEU A 121 18.17 -5.76 8.09
N THR A 122 17.55 -6.30 7.04
CA THR A 122 18.23 -6.61 5.78
C THR A 122 17.43 -6.00 4.64
N SER A 123 18.12 -5.33 3.71
CA SER A 123 17.41 -4.52 2.72
C SER A 123 18.35 -4.14 1.58
N SER A 124 17.76 -3.90 0.41
CA SER A 124 18.42 -3.21 -0.67
C SER A 124 18.10 -1.72 -0.68
N ASN A 125 17.41 -1.23 0.36
CA ASN A 125 16.94 0.15 0.41
C ASN A 125 17.62 0.99 1.50
N TYR A 126 18.81 0.60 1.94
CA TYR A 126 19.48 1.33 3.00
C TYR A 126 20.44 2.41 2.51
N ASP A 127 20.68 2.53 1.20
CA ASP A 127 21.58 3.56 0.66
C ASP A 127 20.74 4.68 0.07
N ASP A 128 20.57 5.75 0.83
CA ASP A 128 19.67 6.82 0.42
C ASP A 128 20.30 7.79 -0.57
N ASP A 129 21.58 7.66 -0.88
CA ASP A 129 22.13 8.39 -2.01
C ASP A 129 21.43 8.02 -3.29
N GLU A 130 20.92 6.79 -3.39
CA GLU A 130 20.04 6.41 -4.47
C GLU A 130 18.67 6.95 -4.11
N LYS A 131 18.13 7.81 -4.97
CA LYS A 131 16.83 8.40 -4.69
C LYS A 131 15.74 7.51 -5.28
N LYS A 132 15.37 6.47 -4.53
CA LYS A 132 14.46 5.47 -5.05
C LYS A 132 13.02 5.81 -4.71
N VAL A 133 12.10 5.34 -5.57
CA VAL A 133 10.68 5.46 -5.28
C VAL A 133 10.06 4.11 -4.94
N THR A 134 10.84 3.24 -4.31
CA THR A 134 10.26 2.04 -3.74
C THR A 134 9.51 2.38 -2.45
N GLY A 135 8.60 1.49 -2.08
CA GLY A 135 7.95 1.60 -0.78
C GLY A 135 8.80 1.09 0.35
N GLY A 136 9.67 0.12 0.07
CA GLY A 136 10.54 -0.43 1.10
C GLY A 136 11.59 0.57 1.56
N ARG A 137 11.78 0.62 2.89
CA ARG A 137 12.74 1.53 3.51
C ARG A 137 13.50 0.91 4.68
N ASN A 138 12.92 -0.05 5.41
CA ASN A 138 13.41 -0.37 6.74
C ASN A 138 14.06 -1.73 6.91
N GLY A 139 13.85 -2.66 5.99
CA GLY A 139 14.45 -3.98 6.12
C GLY A 139 13.76 -4.91 7.09
N TYR A 140 12.46 -4.73 7.29
CA TYR A 140 11.65 -5.58 8.17
C TYR A 140 10.54 -6.36 7.46
N GLY A 141 9.88 -5.76 6.47
CA GLY A 141 8.56 -6.24 6.04
C GLY A 141 8.42 -7.72 5.77
N ALA A 142 9.33 -8.27 4.97
CA ALA A 142 9.22 -9.69 4.64
C ALA A 142 9.49 -10.58 5.85
N LYS A 143 10.44 -10.20 6.72
CA LYS A 143 10.66 -10.97 7.94
C LYS A 143 9.44 -10.93 8.85
N LEU A 144 8.73 -9.79 8.90
CA LEU A 144 7.52 -9.71 9.72
C LEU A 144 6.47 -10.69 9.22
N CYS A 145 6.28 -10.79 7.90
CA CYS A 145 5.35 -11.79 7.38
C CYS A 145 5.80 -13.20 7.75
N ASN A 146 7.09 -13.50 7.61
CA ASN A 146 7.63 -14.81 7.97
C ASN A 146 7.36 -15.11 9.45
N ILE A 147 7.65 -14.15 10.33
CA ILE A 147 7.45 -14.36 11.76
C ILE A 147 6.00 -14.64 12.09
N PHE A 148 5.05 -14.00 11.39
CA PHE A 148 3.62 -14.17 11.63
C PHE A 148 3.00 -15.24 10.73
N SER A 149 3.82 -16.15 10.19
CA SER A 149 3.34 -17.27 9.39
C SER A 149 3.74 -18.61 10.00
N THR A 150 2.85 -19.58 9.86
CA THR A 150 3.22 -20.94 10.22
C THR A 150 4.08 -21.61 9.16
N LYS A 151 4.00 -21.16 7.91
CA LYS A 151 4.82 -21.65 6.82
C LYS A 151 5.02 -20.48 5.88
N PHE A 152 6.25 -20.31 5.39
CA PHE A 152 6.60 -19.16 4.57
C PHE A 152 7.65 -19.65 3.59
N THR A 153 7.33 -19.59 2.29
CA THR A 153 8.18 -20.15 1.26
C THR A 153 8.59 -19.04 0.32
N VAL A 154 9.90 -18.97 0.05
CA VAL A 154 10.48 -18.06 -0.91
C VAL A 154 10.97 -18.88 -2.11
N GLU A 155 10.46 -18.55 -3.29
CA GLU A 155 10.93 -19.13 -4.55
CA GLU A 155 10.95 -19.12 -4.54
C GLU A 155 11.35 -17.98 -5.46
N THR A 156 12.56 -18.05 -6.00
CA THR A 156 13.03 -17.01 -6.90
C THR A 156 13.97 -17.63 -7.91
N ALA A 157 13.96 -17.07 -9.11
CA ALA A 157 14.77 -17.61 -10.20
C ALA A 157 15.40 -16.43 -10.93
N CYS A 158 16.71 -16.51 -11.13
CA CYS A 158 17.50 -15.40 -11.64
C CYS A 158 18.41 -15.95 -12.74
N LYS A 159 18.07 -15.63 -13.99
CA LYS A 159 18.84 -16.15 -15.12
C LYS A 159 20.29 -15.66 -15.09
N GLU A 160 20.53 -14.45 -14.60
CA GLU A 160 21.89 -13.91 -14.58
C GLU A 160 22.81 -14.82 -13.79
N TYR A 161 22.32 -15.38 -12.68
CA TYR A 161 23.06 -16.30 -11.84
C TYR A 161 22.79 -17.77 -12.19
N LYS A 162 21.93 -18.01 -13.18
CA LYS A 162 21.70 -19.35 -13.73
C LYS A 162 21.15 -20.34 -12.70
N HIS A 163 20.49 -19.85 -11.66
CA HIS A 163 19.94 -20.76 -10.67
C HIS A 163 18.60 -20.26 -10.17
N SER A 164 17.78 -21.20 -9.71
CA SER A 164 16.61 -20.91 -8.91
C SER A 164 16.86 -21.34 -7.47
N PHE A 165 16.02 -20.82 -6.57
CA PHE A 165 16.17 -20.96 -5.14
C PHE A 165 14.79 -21.20 -4.56
N LYS A 166 14.67 -22.18 -3.66
CA LYS A 166 13.43 -22.37 -2.92
C LYS A 166 13.78 -22.74 -1.49
N GLN A 167 13.29 -21.96 -0.54
CA GLN A 167 13.47 -22.27 0.88
C GLN A 167 12.18 -22.01 1.63
N THR A 168 11.90 -22.87 2.60
CA THR A 168 10.70 -22.79 3.41
C THR A 168 11.09 -22.61 4.86
N TRP A 169 10.46 -21.65 5.51
CA TRP A 169 10.52 -21.48 6.95
C TRP A 169 9.20 -21.92 7.54
N MET A 170 9.23 -22.33 8.80
CA MET A 170 8.03 -22.75 9.51
C MET A 170 8.07 -22.23 10.93
N ASN A 171 6.90 -22.23 11.57
CA ASN A 171 6.77 -21.96 12.99
C ASN A 171 7.33 -20.58 13.35
N ASN A 172 6.81 -19.55 12.68
CA ASN A 172 7.14 -18.17 13.03
C ASN A 172 8.62 -17.88 12.84
N MET A 173 9.16 -18.37 11.72
CA MET A 173 10.55 -18.15 11.29
C MET A 173 11.55 -18.85 12.19
N MET A 174 11.11 -19.79 13.01
CA MET A 174 12.01 -20.44 13.96
CA MET A 174 11.97 -20.46 13.98
C MET A 174 12.56 -21.77 13.47
N LYS A 175 12.07 -22.28 12.35
CA LYS A 175 12.53 -23.54 11.79
C LYS A 175 12.69 -23.38 10.30
N THR A 176 13.76 -23.92 9.74
CA THR A 176 13.96 -23.92 8.30
C THR A 176 14.82 -25.12 7.94
N SER A 177 15.04 -25.30 6.64
CA SER A 177 15.89 -26.38 6.16
C SER A 177 16.62 -25.90 4.93
N GLU A 178 17.59 -26.70 4.48
CA GLU A 178 18.47 -26.31 3.40
C GLU A 178 17.67 -25.93 2.16
N ALA A 179 18.06 -24.83 1.55
CA ALA A 179 17.41 -24.38 0.33
C ALA A 179 17.70 -25.34 -0.81
N LYS A 180 16.72 -25.45 -1.71
CA LYS A 180 16.88 -26.20 -2.95
C LYS A 180 17.36 -25.24 -4.03
N ILE A 181 18.54 -25.51 -4.58
CA ILE A 181 19.17 -24.72 -5.62
C ILE A 181 19.21 -25.58 -6.88
N LYS A 182 18.71 -25.04 -8.00
CA LYS A 182 18.62 -25.79 -9.24
C LYS A 182 19.08 -24.93 -10.42
N HIS A 183 19.48 -25.60 -11.49
CA HIS A 183 19.80 -24.88 -12.72
C HIS A 183 18.57 -24.16 -13.25
N PHE A 184 18.77 -22.92 -13.71
CA PHE A 184 17.66 -22.14 -14.25
C PHE A 184 18.15 -21.29 -15.40
N ASP A 185 17.38 -21.26 -16.49
N ASP A 185 17.39 -21.28 -16.48
CA ASP A 185 17.73 -20.44 -17.63
CA ASP A 185 17.73 -20.46 -17.65
C ASP A 185 16.48 -19.90 -18.33
C ASP A 185 16.49 -19.89 -18.32
N GLY A 186 15.39 -19.73 -17.58
CA GLY A 186 14.16 -19.25 -18.17
C GLY A 186 13.82 -17.82 -17.77
N GLU A 187 12.54 -17.50 -17.69
CA GLU A 187 12.12 -16.14 -17.38
C GLU A 187 12.04 -15.93 -15.88
N ASP A 188 12.69 -14.88 -15.40
CA ASP A 188 12.82 -14.65 -13.97
C ASP A 188 11.47 -14.45 -13.29
N TYR A 189 11.40 -14.81 -12.02
CA TYR A 189 10.21 -14.55 -11.22
C TYR A 189 10.60 -14.67 -9.75
N THR A 190 9.73 -14.15 -8.88
CA THR A 190 9.77 -14.42 -7.45
C THR A 190 8.35 -14.73 -7.01
N CYS A 191 8.21 -15.74 -6.17
CA CYS A 191 6.90 -16.11 -5.65
C CYS A 191 7.04 -16.34 -4.15
N ILE A 192 6.25 -15.61 -3.37
CA ILE A 192 6.21 -15.76 -1.92
C ILE A 192 4.87 -16.43 -1.58
N THR A 193 4.93 -17.56 -0.90
CA THR A 193 3.74 -18.31 -0.52
C THR A 193 3.76 -18.51 0.98
N PHE A 194 2.68 -18.10 1.65
CA PHE A 194 2.67 -18.20 3.11
C PHE A 194 1.31 -18.60 3.63
N GLN A 195 1.33 -19.23 4.80
CA GLN A 195 0.15 -19.58 5.58
C GLN A 195 0.20 -18.72 6.82
N PRO A 196 -0.62 -17.66 6.92
CA PRO A 196 -0.56 -16.80 8.10
C PRO A 196 -0.93 -17.58 9.36
N ASP A 197 -0.26 -17.25 10.46
CA ASP A 197 -0.49 -17.89 11.76
C ASP A 197 -1.70 -17.23 12.39
N LEU A 198 -2.87 -17.76 12.07
CA LEU A 198 -4.12 -17.12 12.48
C LEU A 198 -4.27 -17.10 13.99
N SER A 199 -3.62 -18.01 14.70
CA SER A 199 -3.66 -17.97 16.16
C SER A 199 -3.05 -16.68 16.71
N LYS A 200 -2.08 -16.09 16.01
CA LYS A 200 -1.49 -14.84 16.46
C LYS A 200 -2.49 -13.70 16.39
N PHE A 201 -3.56 -13.88 15.59
CA PHE A 201 -4.57 -12.89 15.35
C PHE A 201 -5.92 -13.30 15.91
N LYS A 202 -5.96 -14.36 16.71
CA LYS A 202 -7.19 -14.87 17.33
C LYS A 202 -8.28 -15.12 16.29
N MET A 203 -7.89 -15.70 15.15
CA MET A 203 -8.80 -16.03 14.09
C MET A 203 -8.79 -17.52 13.79
N GLU A 204 -9.90 -18.02 13.26
CA GLU A 204 -10.00 -19.41 12.86
C GLU A 204 -9.79 -19.64 11.38
N LYS A 205 -10.02 -18.62 10.55
CA LYS A 205 -9.95 -18.76 9.10
C LYS A 205 -9.87 -17.37 8.50
N LEU A 206 -9.38 -17.29 7.26
CA LEU A 206 -9.46 -16.05 6.47
C LEU A 206 -10.92 -15.85 6.07
N ASP A 207 -11.60 -14.94 6.77
CA ASP A 207 -13.04 -14.73 6.59
C ASP A 207 -13.30 -13.72 5.47
N LYS A 208 -14.58 -13.47 5.18
CA LYS A 208 -14.89 -12.66 4.01
C LYS A 208 -14.37 -11.23 4.11
N ASP A 209 -14.37 -10.64 5.31
CA ASP A 209 -13.93 -9.25 5.42
C ASP A 209 -12.44 -9.10 5.12
N ILE A 210 -11.59 -9.94 5.71
CA ILE A 210 -10.16 -9.80 5.42
C ILE A 210 -9.87 -10.12 3.96
N VAL A 211 -10.56 -11.12 3.39
CA VAL A 211 -10.36 -11.41 1.98
C VAL A 211 -10.78 -10.21 1.12
N ALA A 212 -11.88 -9.56 1.48
CA ALA A 212 -12.34 -8.42 0.68
C ALA A 212 -11.36 -7.25 0.76
N LEU A 213 -10.70 -7.08 1.91
CA LEU A 213 -9.69 -6.03 2.05
C LEU A 213 -8.43 -6.37 1.27
N MET A 214 -7.95 -7.61 1.38
CA MET A 214 -6.78 -8.02 0.60
C MET A 214 -7.05 -7.95 -0.89
N THR A 215 -8.25 -8.38 -1.32
CA THR A 215 -8.64 -8.24 -2.72
C THR A 215 -8.59 -6.77 -3.15
N ARG A 216 -9.12 -5.86 -2.31
CA ARG A 216 -9.10 -4.46 -2.70
C ARG A 216 -7.68 -3.95 -2.87
N ARG A 217 -6.74 -4.39 -2.01
CA ARG A 217 -5.36 -3.95 -2.18
C ARG A 217 -4.82 -4.38 -3.54
N ALA A 218 -5.25 -5.53 -4.06
CA ALA A 218 -4.82 -5.91 -5.42
C ALA A 218 -5.37 -4.94 -6.46
N TYR A 219 -6.62 -4.50 -6.30
CA TYR A 219 -7.16 -3.47 -7.19
C TYR A 219 -6.39 -2.15 -7.05
N ASP A 220 -6.05 -1.77 -5.80
CA ASP A 220 -5.25 -0.58 -5.57
C ASP A 220 -3.98 -0.64 -6.40
N LEU A 221 -3.32 -1.80 -6.35
CA LEU A 221 -2.05 -1.96 -7.06
C LEU A 221 -2.23 -1.87 -8.57
N ALA A 222 -3.28 -2.48 -9.10
CA ALA A 222 -3.60 -2.31 -10.51
C ALA A 222 -3.77 -0.84 -10.86
N GLY A 223 -4.26 -0.03 -9.91
CA GLY A 223 -4.43 1.38 -10.18
C GLY A 223 -3.19 2.23 -9.94
N SER A 224 -2.32 1.80 -9.03
CA SER A 224 -1.22 2.65 -8.56
C SER A 224 0.13 2.35 -9.20
N CYS A 225 0.39 1.11 -9.59
CA CYS A 225 1.71 0.69 -10.06
C CYS A 225 1.74 0.74 -11.58
N ARG A 226 2.34 1.80 -12.12
CA ARG A 226 2.27 2.04 -13.55
C ARG A 226 2.94 0.92 -14.34
N GLY A 227 2.25 0.44 -15.36
CA GLY A 227 2.82 -0.55 -16.26
C GLY A 227 2.81 -1.96 -15.75
N VAL A 228 2.13 -2.23 -14.64
CA VAL A 228 2.04 -3.58 -14.08
C VAL A 228 0.57 -3.99 -14.09
N LYS A 229 0.30 -5.15 -14.69
CA LYS A 229 -1.02 -5.76 -14.65
C LYS A 229 -1.10 -6.67 -13.45
N VAL A 230 -2.30 -6.79 -12.89
CA VAL A 230 -2.51 -7.56 -11.67
C VAL A 230 -3.58 -8.60 -11.92
N MET A 231 -3.31 -9.82 -11.49
CA MET A 231 -4.28 -10.90 -11.51
C MET A 231 -4.62 -11.26 -10.08
N PHE A 232 -5.89 -11.57 -9.85
CA PHE A 232 -6.34 -12.06 -8.56
C PHE A 232 -7.05 -13.39 -8.77
N ASN A 233 -6.59 -14.43 -8.08
CA ASN A 233 -7.18 -15.77 -8.21
C ASN A 233 -7.38 -16.17 -9.67
N GLY A 234 -6.38 -15.86 -10.49
CA GLY A 234 -6.32 -16.36 -11.84
C GLY A 234 -6.99 -15.50 -12.88
N LYS A 235 -7.57 -14.35 -12.50
CA LYS A 235 -8.25 -13.47 -13.42
C LYS A 235 -7.63 -12.09 -13.39
N LYS A 236 -7.38 -11.54 -14.58
CA LYS A 236 -6.85 -10.19 -14.68
C LYS A 236 -7.85 -9.19 -14.12
N LEU A 237 -7.33 -8.22 -13.36
CA LEU A 237 -8.17 -7.15 -12.85
C LEU A 237 -8.34 -6.10 -13.93
N PRO A 238 -9.59 -5.68 -14.23
CA PRO A 238 -9.85 -4.74 -15.34
C PRO A 238 -9.66 -3.29 -14.93
N VAL A 239 -8.47 -2.98 -14.45
CA VAL A 239 -8.06 -1.63 -14.07
C VAL A 239 -6.73 -1.39 -14.75
N ASN A 240 -6.63 -0.30 -15.51
CA ASN A 240 -5.49 -0.10 -16.39
C ASN A 240 -4.76 1.21 -16.12
N GLY A 241 -4.96 1.78 -14.94
CA GLY A 241 -4.38 3.07 -14.61
C GLY A 241 -5.17 3.70 -13.50
N PHE A 242 -4.68 4.86 -13.03
CA PHE A 242 -5.27 5.43 -11.82
C PHE A 242 -6.66 6.00 -12.09
N ARG A 243 -6.91 6.59 -13.27
CA ARG A 243 -8.22 7.16 -13.52
C ARG A 243 -9.29 6.07 -13.53
N SER A 244 -8.98 4.92 -14.13
CA SER A 244 -9.95 3.82 -14.14
C SER A 244 -10.15 3.24 -12.75
N TYR A 245 -9.12 3.28 -11.92
CA TYR A 245 -9.25 2.87 -10.52
C TYR A 245 -10.20 3.82 -9.78
N VAL A 246 -9.99 5.12 -9.93
CA VAL A 246 -10.86 6.10 -9.27
C VAL A 246 -12.31 5.90 -9.69
N ASP A 247 -12.53 5.50 -10.94
CA ASP A 247 -13.90 5.26 -11.40
C ASP A 247 -14.61 4.22 -10.55
N LEU A 248 -13.87 3.28 -9.94
CA LEU A 248 -14.53 2.27 -9.11
C LEU A 248 -15.26 2.89 -7.94
N TYR A 249 -14.82 4.08 -7.50
CA TYR A 249 -15.41 4.80 -6.40
C TYR A 249 -16.47 5.80 -6.83
N VAL A 250 -16.29 6.50 -7.94
CA VAL A 250 -17.10 7.68 -8.21
C VAL A 250 -17.97 7.59 -9.46
N LYS A 251 -17.77 6.63 -10.35
CA LYS A 251 -18.46 6.69 -11.64
C LYS A 251 -19.99 6.57 -11.49
N ASP A 252 -20.48 5.83 -10.50
CA ASP A 252 -21.91 5.58 -10.35
C ASP A 252 -22.53 6.36 -9.19
N LYS A 253 -21.85 7.39 -8.70
CA LYS A 253 -22.27 8.08 -7.49
C LYS A 253 -22.95 9.39 -7.83
N LEU A 254 -23.97 9.72 -7.06
CA LEU A 254 -24.70 10.97 -7.16
C LEU A 254 -24.43 11.78 -5.90
N ASP A 255 -24.57 13.09 -6.01
CA ASP A 255 -24.56 13.93 -4.82
C ASP A 255 -25.94 13.85 -4.17
N GLU A 256 -26.09 14.52 -3.03
CA GLU A 256 -27.34 14.42 -2.28
C GLU A 256 -28.53 14.99 -3.04
N THR A 257 -28.30 15.84 -4.04
CA THR A 257 -29.39 16.41 -4.82
C THR A 257 -29.74 15.56 -6.05
N GLY A 258 -29.07 14.43 -6.23
CA GLY A 258 -29.38 13.55 -7.34
C GLY A 258 -28.58 13.80 -8.60
N VAL A 259 -27.50 14.56 -8.51
CA VAL A 259 -26.69 14.93 -9.66
C VAL A 259 -25.38 14.16 -9.58
N ALA A 260 -24.97 13.58 -10.71
CA ALA A 260 -23.75 12.79 -10.75
C ALA A 260 -22.57 13.62 -10.25
N LEU A 261 -21.69 12.97 -9.51
CA LEU A 261 -20.48 13.64 -9.07
C LEU A 261 -19.67 14.04 -10.29
N LYS A 262 -19.19 15.29 -10.31
CA LYS A 262 -18.28 15.74 -11.34
C LYS A 262 -16.86 15.48 -10.86
N VAL A 263 -16.08 14.73 -11.64
CA VAL A 263 -14.76 14.28 -11.24
C VAL A 263 -13.72 14.96 -12.11
N ILE A 264 -12.75 15.61 -11.49
CA ILE A 264 -11.71 16.32 -12.23
C ILE A 264 -10.41 15.56 -12.06
N HIS A 265 -9.58 15.58 -13.09
CA HIS A 265 -8.36 14.78 -13.10
C HIS A 265 -7.23 15.59 -13.70
N GLU A 266 -6.04 15.43 -13.12
CA GLU A 266 -4.83 15.89 -13.80
C GLU A 266 -3.68 14.95 -13.51
N LEU A 267 -3.04 14.44 -14.56
CA LEU A 267 -1.71 13.84 -14.44
C LEU A 267 -0.74 15.01 -14.57
N ALA A 268 -0.28 15.54 -13.42
CA ALA A 268 0.61 16.70 -13.44
C ALA A 268 1.96 16.36 -14.07
N ASN A 269 2.49 15.19 -13.73
CA ASN A 269 3.69 14.66 -14.35
C ASN A 269 3.68 13.17 -14.05
N GLU A 270 4.74 12.48 -14.48
CA GLU A 270 4.78 11.04 -14.30
C GLU A 270 4.60 10.64 -12.84
N ARG A 271 4.98 11.52 -11.91
CA ARG A 271 5.02 11.13 -10.52
C ARG A 271 3.79 11.53 -9.73
N TRP A 272 2.83 12.24 -10.33
CA TRP A 272 1.66 12.74 -9.60
C TRP A 272 0.41 12.62 -10.44
N ASP A 273 -0.57 11.87 -9.95
CA ASP A 273 -1.89 11.74 -10.55
C ASP A 273 -2.91 12.13 -9.50
N VAL A 274 -3.80 13.07 -9.81
CA VAL A 274 -4.73 13.63 -8.85
C VAL A 274 -6.13 13.64 -9.46
N CYS A 275 -7.11 13.15 -8.71
CA CYS A 275 -8.51 13.34 -9.01
C CYS A 275 -9.20 14.01 -7.83
N LEU A 276 -10.26 14.76 -8.11
CA LEU A 276 -10.94 15.53 -7.10
C LEU A 276 -12.43 15.54 -7.41
N THR A 277 -13.25 15.39 -6.38
CA THR A 277 -14.67 15.61 -6.51
C THR A 277 -15.24 16.13 -5.19
N LEU A 278 -16.54 16.33 -5.17
CA LEU A 278 -17.24 16.81 -3.99
C LEU A 278 -17.42 15.71 -2.96
N SER A 279 -17.21 16.07 -1.69
CA SER A 279 -17.61 15.23 -0.57
C SER A 279 -18.77 15.88 0.16
N GLU A 280 -19.74 15.07 0.56
CA GLU A 280 -20.83 15.53 1.43
C GLU A 280 -20.78 14.86 2.78
N LYS A 281 -19.68 14.22 3.15
CA LYS A 281 -19.54 13.56 4.43
C LYS A 281 -18.21 13.90 5.08
N GLY A 282 -17.77 15.14 4.89
CA GLY A 282 -16.52 15.59 5.45
C GLY A 282 -15.36 15.26 4.55
N PHE A 283 -14.19 15.73 4.94
CA PHE A 283 -12.99 15.49 4.15
C PHE A 283 -12.75 14.01 3.95
N GLN A 284 -12.41 13.63 2.71
CA GLN A 284 -12.07 12.26 2.39
C GLN A 284 -10.85 12.26 1.51
N GLN A 285 -9.89 11.38 1.82
CA GLN A 285 -8.74 11.21 0.95
C GLN A 285 -8.49 9.73 0.73
N ILE A 286 -8.16 9.39 -0.52
CA ILE A 286 -7.63 8.09 -0.90
C ILE A 286 -6.29 8.37 -1.57
N SER A 287 -5.21 7.82 -1.02
CA SER A 287 -3.89 8.20 -1.49
C SER A 287 -2.92 7.03 -1.39
N PHE A 288 -1.93 7.07 -2.27
CA PHE A 288 -0.87 6.06 -2.36
C PHE A 288 0.45 6.79 -2.55
N VAL A 289 1.47 6.31 -1.82
CA VAL A 289 2.84 6.72 -2.00
C VAL A 289 3.61 5.45 -2.35
N ASN A 290 4.19 5.41 -3.55
CA ASN A 290 5.01 4.28 -3.94
C ASN A 290 4.25 2.96 -3.73
N SER A 291 2.96 2.99 -4.10
CA SER A 291 2.02 1.87 -4.05
C SER A 291 1.66 1.44 -2.63
N ILE A 292 2.08 2.17 -1.60
CA ILE A 292 1.58 2.00 -0.24
C ILE A 292 0.29 2.80 -0.07
N ALA A 293 -0.74 2.20 0.54
CA ALA A 293 -1.96 2.92 0.88
C ALA A 293 -1.71 3.76 2.14
N THR A 294 -1.63 5.08 1.98
CA THR A 294 -1.38 6.00 3.10
C THR A 294 -2.69 6.40 3.76
N THR A 295 -3.19 5.45 4.57
CA THR A 295 -4.55 5.49 5.10
C THR A 295 -4.74 6.52 6.21
N LYS A 296 -3.66 7.13 6.71
CA LYS A 296 -3.75 8.30 7.57
C LYS A 296 -3.24 9.55 6.88
N GLY A 297 -2.96 9.46 5.60
CA GLY A 297 -2.60 10.63 4.82
C GLY A 297 -1.13 10.96 4.93
N GLY A 298 -0.84 12.26 5.03
CA GLY A 298 0.52 12.72 5.17
C GLY A 298 0.75 13.99 4.40
N ARG A 299 2.03 14.35 4.29
CA ARG A 299 2.39 15.65 3.72
C ARG A 299 2.08 15.73 2.23
N HIS A 300 2.03 14.59 1.54
CA HIS A 300 1.62 14.58 0.13
C HIS A 300 0.16 14.96 -0.05
N VAL A 301 -0.71 14.50 0.86
CA VAL A 301 -2.13 14.89 0.82
C VAL A 301 -2.25 16.37 1.12
N ASP A 302 -1.60 16.82 2.19
CA ASP A 302 -1.69 18.23 2.56
C ASP A 302 -1.17 19.13 1.43
N TYR A 303 -0.09 18.70 0.77
CA TYR A 303 0.50 19.48 -0.31
C TYR A 303 -0.48 19.72 -1.45
N VAL A 304 -1.20 18.68 -1.87
CA VAL A 304 -2.18 18.83 -2.95
C VAL A 304 -3.41 19.58 -2.46
N VAL A 305 -3.93 19.19 -1.31
CA VAL A 305 -5.17 19.78 -0.81
C VAL A 305 -4.99 21.26 -0.54
N ASP A 306 -3.86 21.65 0.04
CA ASP A 306 -3.66 23.07 0.35
C ASP A 306 -3.71 23.92 -0.92
N GLN A 307 -3.20 23.41 -2.04
CA GLN A 307 -3.28 24.15 -3.30
C GLN A 307 -4.73 24.38 -3.71
N VAL A 308 -5.53 23.30 -3.68
CA VAL A 308 -6.93 23.39 -4.06
C VAL A 308 -7.68 24.33 -3.13
N VAL A 309 -7.47 24.16 -1.82
CA VAL A 309 -8.16 25.01 -0.86
C VAL A 309 -7.83 26.48 -1.11
N GLY A 310 -6.55 26.79 -1.37
CA GLY A 310 -6.18 28.17 -1.60
C GLY A 310 -6.88 28.78 -2.80
N LYS A 311 -6.94 28.03 -3.91
CA LYS A 311 -7.60 28.53 -5.10
C LYS A 311 -9.10 28.66 -4.90
N LEU A 312 -9.72 27.68 -4.24
CA LEU A 312 -11.18 27.75 -4.07
C LEU A 312 -11.59 28.85 -3.10
N ILE A 313 -10.75 29.17 -2.10
CA ILE A 313 -11.04 30.32 -1.25
C ILE A 313 -11.05 31.59 -2.08
N GLU A 314 -10.12 31.71 -3.03
CA GLU A 314 -10.13 32.84 -3.96
C GLU A 314 -11.45 32.91 -4.71
N VAL A 315 -11.89 31.79 -5.28
CA VAL A 315 -13.10 31.80 -6.10
C VAL A 315 -14.30 32.21 -5.28
N VAL A 316 -14.45 31.63 -4.09
CA VAL A 316 -15.56 31.98 -3.22
C VAL A 316 -15.54 33.47 -2.90
N LYS A 317 -14.35 34.01 -2.58
CA LYS A 317 -14.24 35.40 -2.16
C LYS A 317 -14.71 36.35 -3.25
N LYS A 318 -14.44 36.00 -4.50
CA LYS A 318 -14.88 36.78 -5.66
C LYS A 318 -16.40 36.78 -5.78
N LYS A 319 -17.08 36.10 -4.86
CA LYS A 319 -18.54 36.07 -4.81
C LYS A 319 -19.09 36.29 -3.41
N ASN A 320 -18.23 36.36 -2.39
CA ASN A 320 -18.63 36.55 -1.00
C ASN A 320 -18.30 37.98 -0.60
N LYS A 321 -19.25 38.88 -0.80
CA LYS A 321 -19.09 40.25 -0.36
C LYS A 321 -19.63 40.37 1.04
N VAL A 324 -19.57 35.13 5.82
CA VAL A 324 -18.53 36.13 5.64
C VAL A 324 -17.16 35.47 5.50
N SER A 325 -16.56 35.06 6.62
CA SER A 325 -15.26 34.41 6.60
C SER A 325 -15.42 32.93 6.24
N VAL A 326 -14.66 32.48 5.26
CA VAL A 326 -14.63 31.07 4.85
C VAL A 326 -13.25 30.53 5.23
N LYS A 327 -13.23 29.62 6.16
CA LYS A 327 -11.97 29.12 6.69
C LYS A 327 -11.54 27.87 5.93
N PRO A 328 -10.23 27.63 5.85
CA PRO A 328 -9.76 26.44 5.11
C PRO A 328 -10.43 25.14 5.53
N PHE A 329 -10.70 24.94 6.82
CA PHE A 329 -11.30 23.69 7.26
C PHE A 329 -12.70 23.50 6.65
N GLN A 330 -13.39 24.61 6.38
CA GLN A 330 -14.73 24.51 5.78
C GLN A 330 -14.64 24.07 4.32
N VAL A 331 -13.62 24.54 3.60
CA VAL A 331 -13.44 24.10 2.22
C VAL A 331 -13.00 22.65 2.18
N LYS A 332 -12.02 22.28 3.00
CA LYS A 332 -11.57 20.89 3.05
C LYS A 332 -12.72 19.94 3.38
N ASN A 333 -13.70 20.41 4.16
CA ASN A 333 -14.84 19.59 4.55
C ASN A 333 -15.60 19.06 3.34
N HIS A 334 -15.46 19.70 2.18
CA HIS A 334 -16.21 19.34 0.98
C HIS A 334 -15.35 18.66 -0.08
N ILE A 335 -14.11 18.31 0.24
CA ILE A 335 -13.18 17.74 -0.73
C ILE A 335 -13.11 16.22 -0.57
N TRP A 336 -13.22 15.51 -1.69
CA TRP A 336 -12.83 14.11 -1.79
C TRP A 336 -11.69 14.07 -2.80
N VAL A 337 -10.49 13.75 -2.33
CA VAL A 337 -9.29 13.78 -3.17
C VAL A 337 -8.71 12.38 -3.29
N PHE A 338 -8.17 12.09 -4.48
CA PHE A 338 -7.51 10.82 -4.81
C PHE A 338 -6.13 11.17 -5.35
N ILE A 339 -5.08 10.58 -4.76
CA ILE A 339 -3.70 10.92 -5.11
C ILE A 339 -2.90 9.64 -5.31
N ASN A 340 -2.18 9.56 -6.43
CA ASN A 340 -1.20 8.50 -6.63
C ASN A 340 0.13 9.18 -6.94
N CYS A 341 1.12 8.96 -6.07
CA CYS A 341 2.37 9.68 -6.24
C CYS A 341 3.58 8.77 -5.99
N LEU A 342 4.70 9.23 -6.53
CA LEU A 342 6.01 8.60 -6.38
C LEU A 342 6.92 9.60 -5.68
N ILE A 343 7.39 9.22 -4.49
CA ILE A 343 8.16 10.07 -3.60
C ILE A 343 9.53 9.43 -3.41
N GLU A 344 10.59 10.23 -3.52
CA GLU A 344 11.93 9.72 -3.26
C GLU A 344 12.16 9.56 -1.77
N ASN A 345 12.64 8.38 -1.37
CA ASN A 345 13.04 8.11 0.01
C ASN A 345 12.04 8.61 1.04
N PRO A 346 10.79 8.18 0.96
CA PRO A 346 9.77 8.68 1.89
C PRO A 346 10.07 8.25 3.32
N THR A 347 9.57 9.05 4.26
CA THR A 347 9.60 8.72 5.68
C THR A 347 8.18 8.57 6.18
N PHE A 348 8.02 7.73 7.21
CA PHE A 348 6.74 7.49 7.84
C PHE A 348 7.00 7.37 9.35
N ASP A 349 5.96 7.56 10.16
CA ASP A 349 6.20 7.47 11.59
C ASP A 349 6.05 6.05 12.14
N SER A 350 5.74 5.08 11.30
CA SER A 350 5.59 3.70 11.75
CA SER A 350 5.60 3.71 11.76
C SER A 350 5.95 2.76 10.62
N GLN A 351 6.33 1.53 10.99
CA GLN A 351 6.55 0.49 9.98
C GLN A 351 5.29 0.26 9.15
N THR A 352 4.10 0.50 9.69
CA THR A 352 2.86 0.27 8.93
C THR A 352 2.65 1.31 7.83
N LYS A 353 3.38 2.41 7.86
CA LYS A 353 3.42 3.38 6.76
C LYS A 353 2.05 3.96 6.42
N GLU A 354 1.23 4.24 7.44
CA GLU A 354 -0.06 4.87 7.19
C GLU A 354 0.04 6.38 6.97
N ASN A 355 1.07 7.03 7.50
CA ASN A 355 1.18 8.49 7.47
C ASN A 355 2.58 8.84 6.98
N MET A 356 2.64 9.48 5.81
CA MET A 356 3.91 9.80 5.17
C MET A 356 4.32 11.21 5.58
N THR A 357 5.46 11.32 6.25
CA THR A 357 5.85 12.53 6.97
C THR A 357 6.92 13.37 6.29
N LEU A 358 7.39 12.97 5.12
CA LEU A 358 8.45 13.71 4.45
C LEU A 358 7.93 15.06 3.99
N GLN A 359 8.74 16.12 4.18
CA GLN A 359 8.32 17.45 3.77
C GLN A 359 8.37 17.59 2.24
N PRO A 360 7.44 18.37 1.66
CA PRO A 360 7.42 18.53 0.20
C PRO A 360 8.73 18.93 -0.44
N LYS A 361 9.55 19.75 0.22
CA LYS A 361 10.80 20.17 -0.41
C LYS A 361 11.71 18.99 -0.71
N SER A 362 11.51 17.84 -0.05
CA SER A 362 12.32 16.66 -0.22
C SER A 362 11.68 15.60 -1.11
N PHE A 363 10.52 15.89 -1.73
CA PHE A 363 9.83 14.85 -2.48
C PHE A 363 10.62 14.37 -3.70
N GLY A 364 11.43 15.24 -4.30
CA GLY A 364 12.11 14.97 -5.56
C GLY A 364 11.33 15.38 -6.79
N SER A 365 10.15 15.95 -6.61
CA SER A 365 9.31 16.41 -7.70
C SER A 365 8.29 17.35 -7.09
N LYS A 366 7.59 18.07 -7.96
CA LYS A 366 6.50 18.94 -7.56
C LYS A 366 5.22 18.51 -8.25
N CYS A 367 4.10 18.95 -7.70
CA CYS A 367 2.78 18.77 -8.30
C CYS A 367 2.13 20.15 -8.29
N GLN A 368 2.45 20.96 -9.30
CA GLN A 368 1.83 22.26 -9.47
C GLN A 368 0.62 22.06 -10.37
N LEU A 369 -0.56 22.06 -9.78
CA LEU A 369 -1.78 21.84 -10.53
C LEU A 369 -2.05 23.03 -11.44
N SER A 370 -2.55 22.74 -12.64
CA SER A 370 -2.69 23.75 -13.67
C SER A 370 -3.92 24.62 -13.44
N GLU A 371 -3.92 25.79 -14.08
CA GLU A 371 -5.08 26.67 -13.98
C GLU A 371 -6.32 26.00 -14.57
N LYS A 372 -6.15 25.16 -15.60
CA LYS A 372 -7.28 24.40 -16.11
C LYS A 372 -7.90 23.51 -15.03
N PHE A 373 -7.05 22.83 -14.25
CA PHE A 373 -7.57 21.99 -13.18
C PHE A 373 -8.31 22.81 -12.14
N PHE A 374 -7.75 23.97 -11.77
CA PHE A 374 -8.39 24.78 -10.74
C PHE A 374 -9.72 25.34 -11.23
N LYS A 375 -9.80 25.72 -12.51
CA LYS A 375 -11.07 26.14 -13.09
C LYS A 375 -12.08 25.00 -13.00
N ALA A 376 -11.66 23.79 -13.38
CA ALA A 376 -12.58 22.66 -13.33
C ALA A 376 -13.01 22.39 -11.90
N ALA A 377 -12.08 22.55 -10.94
CA ALA A 377 -12.41 22.31 -9.54
C ALA A 377 -13.44 23.32 -9.04
N SER A 378 -13.44 24.53 -9.59
CA SER A 378 -14.43 25.52 -9.20
C SER A 378 -15.82 25.16 -9.69
N ASN A 379 -15.96 24.09 -10.49
CA ASN A 379 -17.25 23.71 -11.05
C ASN A 379 -17.76 22.36 -10.58
N CYS A 380 -17.12 21.72 -9.61
N CYS A 380 -17.11 21.74 -9.60
CA CYS A 380 -17.48 20.38 -9.17
CA CYS A 380 -17.48 20.40 -9.16
C CYS A 380 -18.40 20.37 -7.95
C CYS A 380 -18.67 20.39 -8.20
N GLY A 381 -18.98 21.52 -7.59
CA GLY A 381 -19.97 21.60 -6.54
C GLY A 381 -19.42 22.03 -5.20
N ILE A 382 -18.10 22.09 -5.05
CA ILE A 382 -17.51 22.51 -3.79
C ILE A 382 -17.79 23.98 -3.53
N VAL A 383 -17.51 24.83 -4.54
CA VAL A 383 -17.74 26.26 -4.38
C VAL A 383 -19.20 26.51 -4.07
N GLU A 384 -20.09 25.85 -4.80
CA GLU A 384 -21.52 26.02 -4.57
C GLU A 384 -21.91 25.69 -3.14
N SER A 385 -21.41 24.56 -2.63
CA SER A 385 -21.70 24.16 -1.25
C SER A 385 -21.22 25.21 -0.26
N ILE A 386 -20.05 25.80 -0.51
CA ILE A 386 -19.54 26.83 0.38
C ILE A 386 -20.40 28.08 0.30
N LEU A 387 -20.74 28.50 -0.92
CA LEU A 387 -21.49 29.74 -1.08
C LEU A 387 -22.89 29.62 -0.49
N ASN A 388 -23.54 28.47 -0.69
CA ASN A 388 -24.83 28.24 -0.05
C ASN A 388 -24.74 28.41 1.46
N TRP A 389 -23.60 28.04 2.03
CA TRP A 389 -23.41 28.18 3.47
C TRP A 389 -23.02 29.59 3.87
N VAL A 390 -22.57 30.42 2.93
CA VAL A 390 -22.27 31.82 3.22
C VAL A 390 -23.58 32.61 3.35
N LYS A 391 -24.71 31.94 3.13
CA LYS A 391 -26.01 32.52 3.46
C LYS A 391 -26.42 32.27 4.91
N PHE A 392 -25.78 31.30 5.57
CA PHE A 392 -26.04 31.02 6.98
C PHE A 392 -24.82 31.35 7.83
#